data_4KZ2
#
_entry.id   4KZ2
#
_cell.length_a   125.012
_cell.length_b   125.012
_cell.length_c   26.989
_cell.angle_alpha   90.00
_cell.angle_beta   90.00
_cell.angle_gamma   90.00
#
_symmetry.space_group_name_H-M   'I 4'
#
loop_
_entity.id
_entity.type
_entity.pdbx_description
1 polymer 'phi29 pRNA 3WJ core RNA 18 mer'
2 polymer 'phi29 pRNA 3WJ core RNA 20 mer'
3 polymer 'phi29 pRNA 3WJ core RNA 16 mer'
4 non-polymer 'MANGANESE (II) ION'
5 water water
#
loop_
_entity_poly.entity_id
_entity_poly.type
_entity_poly.pdbx_seq_one_letter_code
_entity_poly.pdbx_strand_id
1 'polyribonucleotide' UUGCCAUGUGUAUGUGGG A
2 'polyribonucleotide' CCCACAUACUUUGUUGAUCC B
3 'polyribonucleotide' GGAUCAAUCAUGGCAA C
#